data_4IS1
#
_entry.id   4IS1
#
_cell.length_a   124.670
_cell.length_b   40.980
_cell.length_c   52.040
_cell.angle_alpha   90.00
_cell.angle_beta   97.21
_cell.angle_gamma   90.00
#
_symmetry.space_group_name_H-M   'C 1 2 1'
#
loop_
_entity.id
_entity.type
_entity.pdbx_description
1 polymer "5'-D(*TP*TP*TP*GP*CP*AP*GP*AP*AP*TP*CP*GP*AP*TP*TP*CP*TP*GP*CP*A)-3'"
2 polymer "5'-D(*AP*AP*TP*GP*CP*AP*GP*AP*AP*TP*CP*GP*AP*TP*TP*CP*TP*GP*CP*A)-3'"
3 polymer 'Zinc finger protein 217'
4 non-polymer 'ZINC ION'
5 non-polymer 'CHLORIDE ION'
6 water water
#
loop_
_entity_poly.entity_id
_entity_poly.type
_entity_poly.pdbx_seq_one_letter_code
_entity_poly.pdbx_strand_id
1 'polydeoxyribonucleotide' (DT)(DT)(DT)(DG)(DC)(DA)(DG)(DA)(DA)(DT)(DC)(DG)(DA)(DT)(DT)(DC)(DT)(DG)(DC)(DA) A
2 'polydeoxyribonucleotide' (DA)(DA)(DT)(DG)(DC)(DA)(DG)(DA)(DA)(DT)(DC)(DG)(DA)(DT)(DT)(DC)(DT)(DG)(DC)(DA) B
3 'polypeptide(L)' GSSSRECSYCGKFFRSNYYLNIHLRTHTGEKPYKCEFCEYAAAQKTSLRYHLERHHK C,D
#
loop_
_chem_comp.id
_chem_comp.type
_chem_comp.name
_chem_comp.formula
CL non-polymer 'CHLORIDE ION' 'Cl -1'
DA DNA linking 2'-DEOXYADENOSINE-5'-MONOPHOSPHATE 'C10 H14 N5 O6 P'
DC DNA linking 2'-DEOXYCYTIDINE-5'-MONOPHOSPHATE 'C9 H14 N3 O7 P'
DG DNA linking 2'-DEOXYGUANOSINE-5'-MONOPHOSPHATE 'C10 H14 N5 O7 P'
DT DNA linking THYMIDINE-5'-MONOPHOSPHATE 'C10 H15 N2 O8 P'
ZN non-polymer 'ZINC ION' 'Zn 2'
#
# COMPACT_ATOMS: atom_id res chain seq x y z
N ARG C 5 -9.91 12.12 24.21
CA ARG C 5 -10.16 12.45 22.78
C ARG C 5 -8.92 12.83 21.98
N GLU C 6 -7.80 13.06 22.66
CA GLU C 6 -6.55 13.33 21.99
C GLU C 6 -5.69 12.07 21.78
N CYS C 7 -5.16 11.93 20.57
CA CYS C 7 -4.23 10.85 20.25
C CYS C 7 -2.83 11.28 20.67
N SER C 8 -2.09 10.35 21.27
CA SER C 8 -0.73 10.60 21.74
C SER C 8 0.33 10.32 20.66
N TYR C 9 -0.05 9.63 19.59
CA TYR C 9 0.86 9.43 18.46
C TYR C 9 0.97 10.70 17.60
N CYS C 10 -0.19 11.27 17.24
CA CYS C 10 -0.23 12.32 16.23
C CYS C 10 -0.76 13.66 16.76
N GLY C 11 -1.18 13.69 18.02
CA GLY C 11 -1.77 14.89 18.57
C GLY C 11 -3.17 15.25 18.12
N LYS C 12 -3.69 14.58 17.08
CA LYS C 12 -5.01 14.93 16.59
C LYS C 12 -6.10 14.71 17.65
N PHE C 13 -7.17 15.50 17.54
CA PHE C 13 -8.39 15.35 18.36
C PHE C 13 -9.49 14.65 17.56
N PHE C 14 -10.47 14.04 18.23
CA PHE C 14 -11.55 13.30 17.57
C PHE C 14 -12.85 13.61 18.29
N ARG C 15 -13.98 13.27 17.69
CA ARG C 15 -15.29 13.64 18.27
C ARG C 15 -15.66 12.81 19.51
N SER C 16 -15.13 11.59 19.59
CA SER C 16 -15.44 10.68 20.70
C SER C 16 -14.30 9.71 21.04
N ASN C 17 -14.42 9.11 22.21
CA ASN C 17 -13.46 8.14 22.71
C ASN C 17 -13.55 6.82 21.96
N TYR C 18 -14.79 6.42 21.66
CA TYR C 18 -15.04 5.31 20.75
C TYR C 18 -14.28 5.49 19.45
N TYR C 19 -14.35 6.66 18.79
CA TYR C 19 -13.58 6.78 17.55
C TYR C 19 -12.10 6.96 17.78
N LEU C 20 -11.72 7.54 18.92
CA LEU C 20 -10.29 7.64 19.21
C LEU C 20 -9.68 6.24 19.31
N ASN C 21 -10.42 5.34 19.94
CA ASN C 21 -9.93 3.97 20.14
C ASN C 21 -9.75 3.28 18.77
N ILE C 22 -10.68 3.47 17.85
CA ILE C 22 -10.47 2.96 16.49
C ILE C 22 -9.28 3.65 15.82
N HIS C 23 -9.10 4.95 16.07
CA HIS C 23 -8.05 5.73 15.39
C HIS C 23 -6.68 5.17 15.72
N LEU C 24 -6.46 4.85 16.99
CA LEU C 24 -5.19 4.31 17.44
C LEU C 24 -4.67 3.06 16.63
N ARG C 25 -5.57 2.30 16.04
CA ARG C 25 -5.17 1.14 15.23
C ARG C 25 -4.31 1.56 14.03
N THR C 26 -4.60 2.73 13.47
CA THR C 26 -3.83 3.27 12.34
C THR C 26 -2.36 3.41 12.76
N HIS C 27 -2.12 3.64 14.03
CA HIS C 27 -0.76 3.68 14.56
C HIS C 27 -0.29 2.33 15.05
N THR C 28 -1.02 1.74 16.00
CA THR C 28 -0.63 0.45 16.63
C THR C 28 -0.65 -0.75 15.67
N GLY C 29 -1.41 -0.64 14.60
CA GLY C 29 -1.51 -1.69 13.61
C GLY C 29 -2.31 -2.90 14.06
N GLU C 30 -2.98 -2.81 15.22
CA GLU C 30 -4.03 -3.77 15.56
C GLU C 30 -5.07 -3.70 14.47
N LYS C 31 -5.42 -4.87 13.96
CA LYS C 31 -6.29 -5.01 12.81
C LYS C 31 -7.28 -6.14 13.05
N PRO C 32 -8.35 -5.88 13.82
CA PRO C 32 -9.32 -6.92 14.19
C PRO C 32 -10.20 -7.43 13.04
N TYR C 33 -10.33 -6.66 11.98
CA TYR C 33 -11.14 -7.10 10.85
C TYR C 33 -10.31 -8.06 10.03
N LYS C 34 -10.87 -9.23 9.76
CA LYS C 34 -10.07 -10.31 9.19
C LYS C 34 -10.81 -11.07 8.09
N CYS C 35 -10.11 -11.11 6.97
CA CYS C 35 -10.58 -11.73 5.77
C CYS C 35 -10.58 -13.24 5.96
N GLU C 36 -11.70 -13.86 5.62
CA GLU C 36 -11.79 -15.29 5.72
C GLU C 36 -11.41 -15.97 4.41
N PHE C 37 -10.93 -15.20 3.44
CA PHE C 37 -10.40 -15.75 2.18
C PHE C 37 -8.87 -15.42 1.94
N CYS C 38 -8.31 -14.43 2.68
CA CYS C 38 -6.85 -14.14 2.56
C CYS C 38 -6.33 -13.54 3.83
N GLU C 39 -4.99 -13.48 3.99
CA GLU C 39 -4.39 -13.12 5.28
C GLU C 39 -4.58 -11.62 5.53
N TYR C 40 -5.42 -10.98 4.72
CA TYR C 40 -5.66 -9.56 4.83
C TYR C 40 -6.39 -9.24 6.13
N ALA C 41 -5.89 -8.23 6.83
CA ALA C 41 -6.48 -7.78 8.09
C ALA C 41 -6.57 -6.26 8.04
N ALA C 42 -7.65 -5.67 8.58
CA ALA C 42 -7.87 -4.18 8.59
C ALA C 42 -8.17 -3.58 9.98
N ALA C 43 -7.84 -2.30 10.18
CA ALA C 43 -8.26 -1.60 11.42
C ALA C 43 -9.74 -1.20 11.42
N GLN C 44 -10.27 -0.80 10.26
CA GLN C 44 -11.64 -0.32 10.16
C GLN C 44 -12.47 -1.15 9.21
N LYS C 45 -13.74 -1.23 9.53
CA LYS C 45 -14.64 -2.09 8.82
C LYS C 45 -14.73 -1.77 7.33
N THR C 46 -14.73 -0.48 6.98
CA THR C 46 -14.88 -0.07 5.57
C THR C 46 -13.74 -0.62 4.69
N SER C 47 -12.54 -0.71 5.27
CA SER C 47 -11.40 -1.24 4.56
C SER C 47 -11.59 -2.76 4.21
N LEU C 48 -12.15 -3.53 5.15
CA LEU C 48 -12.41 -4.98 4.97
C LEU C 48 -13.50 -5.07 3.93
N ARG C 49 -14.49 -4.19 4.02
CA ARG C 49 -15.59 -4.25 3.07
C ARG C 49 -15.12 -3.94 1.67
N TYR C 50 -14.25 -2.94 1.51
CA TYR C 50 -13.69 -2.62 0.20
C TYR C 50 -12.90 -3.83 -0.29
N HIS C 51 -12.07 -4.37 0.60
CA HIS C 51 -11.20 -5.49 0.25
C HIS C 51 -12.03 -6.68 -0.32
N LEU C 52 -13.14 -7.04 0.33
CA LEU C 52 -13.98 -8.16 -0.13
C LEU C 52 -14.55 -7.90 -1.52
N GLU C 53 -14.95 -6.66 -1.76
CA GLU C 53 -15.70 -6.32 -2.96
C GLU C 53 -14.92 -6.49 -4.24
N ARG C 54 -13.63 -6.12 -4.23
CA ARG C 54 -12.85 -6.19 -5.47
C ARG C 54 -11.95 -7.45 -5.55
N HIS C 55 -11.64 -8.07 -4.40
CA HIS C 55 -10.76 -9.21 -4.40
C HIS C 55 -11.56 -10.50 -4.41
N HIS C 56 -12.61 -10.55 -3.59
CA HIS C 56 -13.46 -11.73 -3.47
C HIS C 56 -14.88 -11.29 -3.81
N SER D 4 6.23 -5.17 -28.27
CA SER D 4 4.91 -4.52 -28.48
C SER D 4 4.72 -3.34 -27.50
N ARG D 5 3.49 -2.84 -27.40
CA ARG D 5 3.21 -1.65 -26.59
C ARG D 5 1.85 -1.76 -25.91
N GLU D 6 1.23 -2.95 -26.03
CA GLU D 6 -0.03 -3.28 -25.37
C GLU D 6 0.23 -4.33 -24.26
N CYS D 7 -0.31 -4.07 -23.08
CA CYS D 7 -0.16 -4.94 -21.92
C CYS D 7 -1.01 -6.21 -22.02
N SER D 8 -0.39 -7.39 -21.85
CA SER D 8 -1.16 -8.65 -21.96
C SER D 8 -2.08 -8.78 -20.74
N TYR D 9 -1.80 -8.09 -19.64
CA TYR D 9 -2.67 -8.17 -18.47
C TYR D 9 -3.88 -7.27 -18.51
N CYS D 10 -3.65 -5.95 -18.65
CA CYS D 10 -4.73 -4.98 -18.46
C CYS D 10 -5.22 -4.31 -19.75
N GLY D 11 -4.53 -4.57 -20.86
CA GLY D 11 -4.93 -4.11 -22.17
C GLY D 11 -4.55 -2.65 -22.47
N LYS D 12 -3.90 -1.93 -21.54
CA LYS D 12 -3.50 -0.54 -21.82
C LYS D 12 -2.36 -0.46 -22.83
N PHE D 13 -2.40 0.58 -23.65
CA PHE D 13 -1.43 0.80 -24.71
C PHE D 13 -0.46 1.92 -24.27
N PHE D 14 0.82 1.74 -24.53
CA PHE D 14 1.81 2.69 -24.10
C PHE D 14 2.62 3.23 -25.25
N ARG D 15 3.34 4.31 -24.95
CA ARG D 15 3.99 5.14 -25.95
C ARG D 15 5.29 4.53 -26.43
N SER D 16 5.79 3.58 -25.66
CA SER D 16 7.03 2.91 -26.03
C SER D 16 7.04 1.47 -25.44
N ASN D 17 7.76 0.61 -26.13
CA ASN D 17 8.04 -0.72 -25.65
C ASN D 17 8.80 -0.66 -24.31
N TYR D 18 9.69 0.31 -24.23
CA TYR D 18 10.48 0.58 -23.05
C TYR D 18 9.59 0.79 -21.86
N TYR D 19 8.54 1.60 -21.99
CA TYR D 19 7.74 1.88 -20.79
C TYR D 19 6.78 0.70 -20.55
N LEU D 20 6.28 0.08 -21.61
CA LEU D 20 5.48 -1.13 -21.44
C LEU D 20 6.21 -2.12 -20.56
N ASN D 21 7.50 -2.35 -20.82
CA ASN D 21 8.20 -3.38 -20.02
C ASN D 21 8.32 -2.96 -18.58
N ILE D 22 8.41 -1.64 -18.32
CA ILE D 22 8.44 -1.16 -16.94
C ILE D 22 7.05 -1.39 -16.38
N HIS D 23 6.04 -0.98 -17.14
CA HIS D 23 4.66 -1.13 -16.72
C HIS D 23 4.36 -2.62 -16.33
N LEU D 24 4.89 -3.53 -17.08
CA LEU D 24 4.61 -5.01 -16.79
C LEU D 24 4.97 -5.49 -15.39
N ARG D 25 6.08 -5.01 -14.86
CA ARG D 25 6.49 -5.29 -13.49
C ARG D 25 5.35 -5.10 -12.48
N THR D 26 4.43 -4.18 -12.78
CA THR D 26 3.34 -3.88 -11.86
C THR D 26 2.40 -5.06 -11.71
N HIS D 27 2.35 -5.90 -12.74
CA HIS D 27 1.51 -7.11 -12.73
C HIS D 27 2.25 -8.39 -12.35
N THR D 28 3.53 -8.48 -12.76
CA THR D 28 4.39 -9.64 -12.44
C THR D 28 4.93 -9.70 -11.03
N GLY D 29 5.12 -8.55 -10.40
CA GLY D 29 5.71 -8.49 -9.06
C GLY D 29 7.19 -8.16 -9.11
N GLU D 30 7.81 -8.28 -10.28
CA GLU D 30 9.26 -8.05 -10.40
C GLU D 30 9.59 -6.63 -9.92
N LYS D 31 10.63 -6.48 -9.11
CA LYS D 31 11.00 -5.22 -8.45
C LYS D 31 12.52 -5.07 -8.38
N PRO D 32 13.15 -4.59 -9.47
CA PRO D 32 14.60 -4.65 -9.54
C PRO D 32 15.37 -3.63 -8.70
N TYR D 33 14.73 -2.52 -8.34
CA TYR D 33 15.34 -1.49 -7.50
C TYR D 33 15.26 -1.86 -6.01
N LYS D 34 16.39 -2.33 -5.47
CA LYS D 34 16.47 -2.78 -4.08
C LYS D 34 16.89 -1.64 -3.18
N CYS D 35 16.19 -1.46 -2.06
CA CYS D 35 16.65 -0.52 -1.03
C CYS D 35 17.90 -1.12 -0.42
N GLU D 36 18.97 -0.34 -0.35
CA GLU D 36 20.20 -0.80 0.24
C GLU D 36 20.04 -0.94 1.76
N PHE D 37 19.18 -0.08 2.34
CA PHE D 37 19.05 0.08 3.80
C PHE D 37 18.04 -0.86 4.44
N CYS D 38 17.11 -1.41 3.66
CA CYS D 38 16.13 -2.36 4.19
C CYS D 38 15.84 -3.38 3.10
N GLU D 39 14.82 -4.21 3.31
CA GLU D 39 14.42 -5.17 2.30
C GLU D 39 13.34 -4.67 1.32
N TYR D 40 13.12 -3.37 1.31
CA TYR D 40 12.21 -2.75 0.34
C TYR D 40 12.76 -2.86 -1.06
N ALA D 41 11.85 -3.11 -2.00
CA ALA D 41 12.18 -3.09 -3.41
C ALA D 41 11.11 -2.31 -4.15
N ALA D 42 11.42 -1.86 -5.37
CA ALA D 42 10.46 -1.14 -6.19
C ALA D 42 10.58 -1.47 -7.66
N ALA D 43 9.44 -1.49 -8.34
CA ALA D 43 9.37 -1.61 -9.80
C ALA D 43 9.94 -0.44 -10.55
N GLN D 44 9.79 0.77 -9.99
CA GLN D 44 10.19 1.99 -10.68
C GLN D 44 11.09 2.88 -9.81
N LYS D 45 12.05 3.51 -10.45
CA LYS D 45 13.04 4.25 -9.71
C LYS D 45 12.41 5.24 -8.73
N THR D 46 11.32 5.89 -9.15
CA THR D 46 10.70 6.97 -8.37
C THR D 46 10.17 6.50 -7.02
N SER D 47 9.55 5.31 -7.00
CA SER D 47 9.11 4.67 -5.75
C SER D 47 10.21 4.45 -4.73
N LEU D 48 11.35 3.99 -5.20
CA LEU D 48 12.48 3.80 -4.28
C LEU D 48 12.93 5.18 -3.78
N ARG D 49 12.99 6.16 -4.68
CA ARG D 49 13.51 7.47 -4.31
C ARG D 49 12.65 8.11 -3.19
N TYR D 50 11.35 7.99 -3.34
CA TYR D 50 10.39 8.43 -2.35
C TYR D 50 10.56 7.63 -1.05
N HIS D 51 10.78 6.33 -1.18
CA HIS D 51 10.90 5.48 -0.02
C HIS D 51 12.10 5.89 0.81
N LEU D 52 13.21 6.14 0.15
CA LEU D 52 14.41 6.69 0.80
C LEU D 52 14.14 8.01 1.52
N GLU D 53 13.52 8.94 0.81
CA GLU D 53 13.31 10.26 1.36
C GLU D 53 12.45 10.20 2.62
N ARG D 54 11.50 9.26 2.65
CA ARG D 54 10.54 9.24 3.76
C ARG D 54 10.75 8.23 4.90
N HIS D 55 11.40 7.08 4.67
CA HIS D 55 11.64 6.08 5.76
CA HIS D 55 11.64 6.10 5.74
C HIS D 55 13.10 6.12 6.21
N HIS D 56 13.97 6.72 5.39
CA HIS D 56 15.40 6.89 5.74
C HIS D 56 15.85 8.36 5.78
N LYS D 57 15.47 9.05 6.85
CA LYS D 57 15.79 10.47 7.06
C LYS D 57 15.46 10.91 8.49
ZN ZN E . -1.93 13.59 -2.26
ZN ZN F . 1.51 7.34 -21.62
ZN ZN G . -8.71 -11.24 1.44
ZN ZN H . -3.19 9.50 15.78
ZN ZN I . -4.95 -6.47 -4.45
CL CL J . -7.89 -8.47 17.36
ZN ZN K . 14.72 1.30 2.93
ZN ZN L . -0.99 -3.59 -17.63
ZN ZN M . 13.72 3.37 9.60
#